data_6N39
#
_entry.id   6N39
#
_cell.length_a   85.170
_cell.length_b   85.170
_cell.length_c   198.780
_cell.angle_alpha   90.000
_cell.angle_beta   90.000
_cell.angle_gamma   90.000
#
_symmetry.space_group_name_H-M   'P 41 21 2'
#
loop_
_entity.id
_entity.type
_entity.pdbx_description
1 polymer 'Dephospho-CoA kinase'
2 non-polymer 'ACETATE ION'
3 water water
#
_entity_poly.entity_id   1
_entity_poly.type   'polypeptide(L)'
_entity_poly.pdbx_seq_one_letter_code
;MAHHHHHHMLRIGLTGGIGAGKSALSSAFAQCGAVIVDGDVIAREVVRPGTEGLAALVEAFGRDILLADGSLDRPALAAK
AFADDAARQTLNGIVHPLVGARRAEIIASVPADSVVVEDIPLLVESGMAPLFPLVVIVYADVEVRLRRLVEQRGMAEADA
RARIAAQASDEQRRAVADIWLDNSGSPAELVQRAQQVWNERIVPFAHNLSTRQIARAPVRLVPPDPEWPAQAQRIVNRLK
TASGHRALRVDHVGSTALPGDPDFAAKDVIDIQITVESLAAADELVEPLLAAGYPRLEHITADVAKPDARSTVERYDHTG
DPALWHKRIHASADPGRPTNVHIRVDGWPGQQFALLFVDWLTADPDARADYLAVKRSAEQRADGDIDAYVAVKEPWFRDA
YRRAWDWADSTGWKP
;
_entity_poly.pdbx_strand_id   A
#
loop_
_chem_comp.id
_chem_comp.type
_chem_comp.name
_chem_comp.formula
ACT non-polymer 'ACETATE ION' 'C2 H3 O2 -1'
#
# COMPACT_ATOMS: atom_id res chain seq x y z
N HIS A 7 13.24 4.78 13.17
CA HIS A 7 13.65 5.55 11.99
C HIS A 7 12.45 6.03 11.16
N HIS A 8 12.65 7.03 10.28
CA HIS A 8 11.59 7.61 9.45
CA HIS A 8 11.57 7.51 9.43
C HIS A 8 12.06 7.69 7.99
N MET A 9 12.30 6.55 7.36
CA MET A 9 12.71 6.48 5.97
C MET A 9 11.61 5.80 5.17
N LEU A 10 11.61 6.02 3.87
CA LEU A 10 10.72 5.26 2.99
C LEU A 10 11.18 3.81 2.92
N ARG A 11 10.25 2.87 3.13
CA ARG A 11 10.55 1.44 3.09
C ARG A 11 9.81 0.81 1.93
N ILE A 12 10.50 -0.06 1.20
CA ILE A 12 9.93 -0.71 0.02
C ILE A 12 10.07 -2.21 0.21
N GLY A 13 8.96 -2.94 0.13
CA GLY A 13 9.05 -4.41 0.10
C GLY A 13 9.38 -4.87 -1.31
N LEU A 14 10.25 -5.87 -1.41
CA LEU A 14 10.70 -6.41 -2.69
C LEU A 14 10.62 -7.93 -2.66
N THR A 15 10.03 -8.52 -3.70
CA THR A 15 9.94 -9.97 -3.76
C THR A 15 9.81 -10.42 -5.22
N GLY A 16 9.63 -11.71 -5.40
CA GLY A 16 9.50 -12.34 -6.70
C GLY A 16 9.83 -13.80 -6.59
N GLY A 17 9.30 -14.56 -7.53
CA GLY A 17 9.50 -15.99 -7.51
C GLY A 17 10.92 -16.38 -7.90
N ILE A 18 11.28 -17.63 -7.57
CA ILE A 18 12.64 -18.10 -7.81
C ILE A 18 12.95 -18.01 -9.29
N GLY A 19 14.14 -17.49 -9.61
CA GLY A 19 14.57 -17.35 -10.99
C GLY A 19 14.07 -16.10 -11.70
N ALA A 20 13.26 -15.28 -11.05
CA ALA A 20 12.73 -14.08 -11.70
C ALA A 20 13.71 -12.92 -11.69
N GLY A 21 14.67 -12.91 -10.77
CA GLY A 21 15.69 -11.87 -10.74
C GLY A 21 15.64 -10.98 -9.51
N LYS A 22 15.14 -11.53 -8.39
CA LYS A 22 15.00 -10.77 -7.16
C LYS A 22 16.32 -10.10 -6.76
N SER A 23 17.41 -10.88 -6.74
CA SER A 23 18.71 -10.36 -6.31
C SER A 23 19.28 -9.39 -7.31
N ALA A 24 19.10 -9.65 -8.61
CA ALA A 24 19.55 -8.71 -9.63
C ALA A 24 18.84 -7.36 -9.50
N LEU A 25 17.53 -7.37 -9.21
CA LEU A 25 16.81 -6.11 -9.12
C LEU A 25 17.22 -5.36 -7.86
N SER A 26 17.41 -6.11 -6.77
CA SER A 26 17.95 -5.53 -5.55
C SER A 26 19.28 -4.82 -5.82
N SER A 27 20.18 -5.48 -6.55
CA SER A 27 21.46 -4.84 -6.88
C SER A 27 21.26 -3.60 -7.74
N ALA A 28 20.32 -3.64 -8.69
CA ALA A 28 20.04 -2.47 -9.52
C ALA A 28 19.58 -1.28 -8.68
N PHE A 29 18.69 -1.53 -7.71
CA PHE A 29 18.28 -0.43 -6.83
C PHE A 29 19.46 0.04 -5.97
N ALA A 30 20.31 -0.89 -5.51
CA ALA A 30 21.50 -0.48 -4.75
C ALA A 30 22.40 0.42 -5.60
N GLN A 31 22.47 0.15 -6.89
CA GLN A 31 23.24 1.01 -7.79
C GLN A 31 22.60 2.38 -7.93
N CYS A 32 21.32 2.51 -7.60
CA CYS A 32 20.74 3.85 -7.50
C CYS A 32 20.96 4.53 -6.16
N GLY A 33 21.60 3.87 -5.19
CA GLY A 33 21.80 4.44 -3.88
C GLY A 33 20.83 3.96 -2.79
N ALA A 34 19.99 2.97 -3.08
CA ALA A 34 19.11 2.42 -2.04
C ALA A 34 19.90 1.58 -1.03
N VAL A 35 19.33 1.45 0.17
CA VAL A 35 19.86 0.58 1.22
C VAL A 35 19.12 -0.75 1.16
N ILE A 36 19.88 -1.85 1.00
CA ILE A 36 19.31 -3.18 0.85
C ILE A 36 19.33 -3.91 2.19
N VAL A 37 18.16 -4.29 2.70
CA VAL A 37 18.06 -5.15 3.87
C VAL A 37 17.60 -6.52 3.39
N ASP A 38 18.50 -7.50 3.45
CA ASP A 38 18.25 -8.86 2.96
C ASP A 38 18.30 -9.80 4.16
N GLY A 39 17.12 -10.22 4.62
CA GLY A 39 17.05 -11.02 5.84
C GLY A 39 17.81 -12.33 5.74
N ASP A 40 17.78 -12.97 4.58
CA ASP A 40 18.49 -14.24 4.44
C ASP A 40 20.00 -14.03 4.49
N VAL A 41 20.48 -12.96 3.86
CA VAL A 41 21.91 -12.65 3.91
C VAL A 41 22.35 -12.40 5.34
N ILE A 42 21.56 -11.61 6.08
CA ILE A 42 21.94 -11.27 7.45
C ILE A 42 21.89 -12.50 8.34
N ALA A 43 20.91 -13.38 8.11
CA ALA A 43 20.82 -14.63 8.86
C ALA A 43 22.03 -15.51 8.61
N ARG A 44 22.48 -15.60 7.36
CA ARG A 44 23.69 -16.38 7.10
C ARG A 44 24.92 -15.69 7.69
N GLU A 45 24.92 -14.34 7.76
CA GLU A 45 26.09 -13.64 8.28
C GLU A 45 26.24 -13.82 9.79
N VAL A 46 25.14 -13.82 10.54
CA VAL A 46 25.24 -13.91 12.01
C VAL A 46 25.62 -15.29 12.50
N VAL A 47 25.72 -16.28 11.61
CA VAL A 47 26.14 -17.62 11.98
C VAL A 47 27.48 -17.99 11.33
N ARG A 48 28.25 -17.00 10.89
CA ARG A 48 29.53 -17.25 10.25
C ARG A 48 30.56 -17.69 11.30
N PRO A 49 31.65 -18.33 10.86
CA PRO A 49 32.68 -18.76 11.81
C PRO A 49 33.18 -17.61 12.68
N GLY A 50 33.38 -17.90 13.97
CA GLY A 50 33.88 -16.93 14.92
C GLY A 50 32.85 -15.99 15.50
N THR A 51 31.60 -16.04 15.04
CA THR A 51 30.57 -15.15 15.52
C THR A 51 29.94 -15.69 16.80
N GLU A 52 29.32 -14.79 17.58
CA GLU A 52 28.65 -15.20 18.80
C GLU A 52 27.48 -16.12 18.50
N GLY A 53 26.79 -15.90 17.38
CA GLY A 53 25.64 -16.71 17.05
C GLY A 53 25.98 -18.14 16.72
N LEU A 54 27.07 -18.36 15.99
CA LEU A 54 27.48 -19.72 15.67
C LEU A 54 27.89 -20.49 16.93
N ALA A 55 28.62 -19.82 17.83
CA ALA A 55 29.03 -20.49 19.07
C ALA A 55 27.83 -20.82 19.94
N ALA A 56 26.84 -19.91 19.98
CA ALA A 56 25.65 -20.17 20.77
C ALA A 56 24.92 -21.43 20.30
N LEU A 57 24.79 -21.60 18.99
CA LEU A 57 24.10 -22.78 18.46
C LEU A 57 24.90 -24.05 18.72
N VAL A 58 26.23 -23.96 18.77
CA VAL A 58 27.05 -25.12 19.10
C VAL A 58 26.71 -25.61 20.50
N GLU A 59 26.51 -24.68 21.44
CA GLU A 59 26.14 -25.07 22.80
C GLU A 59 24.78 -25.76 22.82
N ALA A 60 23.81 -25.21 22.09
CA ALA A 60 22.45 -25.73 22.13
C ALA A 60 22.26 -27.03 21.36
N PHE A 61 23.17 -27.38 20.44
CA PHE A 61 22.95 -28.55 19.60
C PHE A 61 24.19 -29.44 19.44
N GLY A 62 25.33 -29.08 20.00
CA GLY A 62 26.52 -29.90 19.88
C GLY A 62 27.38 -29.50 18.71
N ARG A 63 28.44 -30.29 18.48
CA ARG A 63 29.32 -30.04 17.35
C ARG A 63 28.94 -30.86 16.12
N ASP A 64 27.70 -31.36 16.07
CA ASP A 64 27.25 -32.10 14.90
C ASP A 64 27.28 -31.23 13.65
N ILE A 65 27.13 -29.91 13.79
CA ILE A 65 27.22 -29.01 12.64
C ILE A 65 28.67 -28.63 12.38
N SER A 71 32.36 -24.85 9.97
CA SER A 71 31.24 -23.99 9.57
C SER A 71 29.92 -24.71 9.78
N LEU A 72 28.82 -23.98 9.63
CA LEU A 72 27.51 -24.53 9.88
C LEU A 72 27.13 -25.55 8.82
N ASP A 73 26.72 -26.74 9.27
CA ASP A 73 26.11 -27.73 8.39
C ASP A 73 24.61 -27.42 8.41
N ARG A 74 24.19 -26.55 7.49
CA ARG A 74 22.80 -26.11 7.46
CA ARG A 74 22.80 -26.11 7.46
C ARG A 74 21.80 -27.26 7.29
N PRO A 75 22.04 -28.27 6.45
CA PRO A 75 21.09 -29.40 6.43
C PRO A 75 21.04 -30.14 7.76
N ALA A 76 22.18 -30.26 8.44
CA ALA A 76 22.21 -30.93 9.74
C ALA A 76 21.44 -30.14 10.80
N LEU A 77 21.42 -28.81 10.70
CA LEU A 77 20.68 -28.03 11.68
C LEU A 77 19.18 -28.08 11.42
N ALA A 78 18.75 -27.96 10.17
CA ALA A 78 17.33 -28.05 9.86
C ALA A 78 16.76 -29.43 10.13
N ALA A 79 17.60 -30.46 10.18
CA ALA A 79 17.13 -31.79 10.55
C ALA A 79 16.72 -31.83 12.02
N LYS A 80 17.51 -31.22 12.90
CA LYS A 80 17.14 -31.17 14.31
C LYS A 80 15.99 -30.20 14.55
N ALA A 81 15.83 -29.21 13.68
CA ALA A 81 14.71 -28.27 13.78
C ALA A 81 13.42 -28.81 13.19
N PHE A 82 13.51 -29.81 12.31
CA PHE A 82 12.32 -30.42 11.76
C PHE A 82 11.69 -31.43 12.71
N ALA A 83 12.47 -31.96 13.66
CA ALA A 83 12.04 -33.07 14.50
C ALA A 83 11.56 -32.64 15.88
N ASP A 84 12.38 -31.88 16.61
CA ASP A 84 12.10 -31.64 18.02
C ASP A 84 10.96 -30.65 18.24
N ASP A 85 10.79 -29.68 17.33
CA ASP A 85 9.73 -28.68 17.38
C ASP A 85 9.98 -27.64 18.48
N ALA A 86 10.69 -28.04 19.54
CA ALA A 86 11.24 -27.09 20.49
C ALA A 86 12.65 -26.65 20.10
N ALA A 87 13.36 -27.49 19.34
CA ALA A 87 14.64 -27.06 18.76
C ALA A 87 14.46 -25.89 17.82
N ARG A 88 13.35 -25.85 17.08
CA ARG A 88 13.06 -24.68 16.25
C ARG A 88 12.93 -23.43 17.10
N GLN A 89 12.30 -23.55 18.27
CA GLN A 89 12.14 -22.40 19.17
C GLN A 89 13.50 -21.95 19.70
N THR A 90 14.35 -22.90 20.10
CA THR A 90 15.69 -22.55 20.57
C THR A 90 16.49 -21.86 19.48
N LEU A 91 16.47 -22.44 18.27
CA LEU A 91 17.16 -21.86 17.12
C LEU A 91 16.71 -20.43 16.86
N ASN A 92 15.39 -20.21 16.80
CA ASN A 92 14.89 -18.85 16.56
C ASN A 92 15.28 -17.90 17.67
N GLY A 93 15.15 -18.33 18.93
CA GLY A 93 15.56 -17.47 20.03
C GLY A 93 17.01 -17.06 19.94
N ILE A 94 17.84 -17.90 19.32
CA ILE A 94 19.24 -17.52 19.11
C ILE A 94 19.38 -16.57 17.93
N VAL A 95 18.76 -16.91 16.80
CA VAL A 95 19.11 -16.27 15.54
C VAL A 95 18.36 -14.97 15.34
N HIS A 96 17.06 -14.95 15.64
CA HIS A 96 16.24 -13.78 15.30
C HIS A 96 16.68 -12.50 16.03
N PRO A 97 17.04 -12.52 17.32
CA PRO A 97 17.53 -11.27 17.92
C PRO A 97 18.81 -10.76 17.28
N LEU A 98 19.70 -11.66 16.85
CA LEU A 98 20.93 -11.24 16.20
C LEU A 98 20.63 -10.60 14.86
N VAL A 99 19.68 -11.16 14.10
CA VAL A 99 19.25 -10.56 12.85
C VAL A 99 18.64 -9.18 13.10
N GLY A 100 17.79 -9.06 14.13
CA GLY A 100 17.20 -7.76 14.44
C GLY A 100 18.24 -6.72 14.79
N ALA A 101 19.23 -7.10 15.60
CA ALA A 101 20.30 -6.18 15.96
C ALA A 101 21.07 -5.74 14.73
N ARG A 102 21.41 -6.68 13.85
CA ARG A 102 22.17 -6.32 12.64
C ARG A 102 21.37 -5.39 11.74
N ARG A 103 20.08 -5.69 11.54
CA ARG A 103 19.24 -4.81 10.73
C ARG A 103 19.19 -3.41 11.31
N ALA A 104 19.02 -3.30 12.63
CA ALA A 104 18.97 -1.99 13.26
C ALA A 104 20.29 -1.24 13.10
N GLU A 105 21.40 -1.96 13.19
CA GLU A 105 22.71 -1.33 13.01
C GLU A 105 22.85 -0.79 11.60
N ILE A 106 22.53 -1.63 10.60
CA ILE A 106 22.53 -1.20 9.20
C ILE A 106 21.77 0.10 9.05
N ILE A 107 20.54 0.14 9.60
CA ILE A 107 19.72 1.33 9.42
C ILE A 107 20.32 2.53 10.13
N ALA A 108 21.03 2.32 11.24
CA ALA A 108 21.67 3.43 11.93
C ALA A 108 22.93 3.91 11.22
N SER A 109 23.51 3.11 10.34
CA SER A 109 24.80 3.45 9.74
C SER A 109 24.68 4.15 8.38
N VAL A 110 23.47 4.34 7.86
CA VAL A 110 23.31 4.89 6.52
C VAL A 110 22.80 6.32 6.60
N PRO A 111 22.92 7.11 5.53
CA PRO A 111 22.36 8.48 5.55
C PRO A 111 20.88 8.49 5.93
N ALA A 112 20.49 9.56 6.63
CA ALA A 112 19.12 9.67 7.13
C ALA A 112 18.09 9.77 6.02
N ASP A 113 18.48 10.29 4.84
CA ASP A 113 17.54 10.39 3.73
C ASP A 113 17.42 9.09 2.92
N SER A 114 17.95 7.98 3.43
CA SER A 114 18.00 6.75 2.65
C SER A 114 16.60 6.19 2.38
N VAL A 115 16.49 5.43 1.29
CA VAL A 115 15.35 4.56 1.04
C VAL A 115 15.78 3.13 1.34
N VAL A 116 14.99 2.39 2.11
CA VAL A 116 15.33 1.04 2.53
C VAL A 116 14.54 0.07 1.66
N VAL A 117 15.23 -0.83 0.96
CA VAL A 117 14.59 -1.87 0.17
C VAL A 117 14.76 -3.19 0.90
N GLU A 118 13.65 -3.82 1.30
CA GLU A 118 13.70 -5.07 2.07
C GLU A 118 13.32 -6.25 1.17
N ASP A 119 14.27 -7.16 0.99
CA ASP A 119 14.07 -8.38 0.22
C ASP A 119 13.42 -9.42 1.12
N ILE A 120 12.16 -9.73 0.86
CA ILE A 120 11.40 -10.67 1.69
C ILE A 120 10.83 -11.74 0.76
N PRO A 121 11.45 -12.91 0.68
CA PRO A 121 11.04 -13.89 -0.34
C PRO A 121 9.62 -14.45 -0.14
N LEU A 122 9.10 -14.50 1.08
CA LEU A 122 7.75 -15.01 1.32
C LEU A 122 6.75 -13.86 1.56
N LEU A 123 7.03 -12.69 1.00
CA LEU A 123 6.15 -11.54 1.21
C LEU A 123 4.71 -11.85 0.79
N VAL A 124 4.54 -12.39 -0.42
CA VAL A 124 3.21 -12.65 -0.94
C VAL A 124 2.56 -13.82 -0.21
N GLU A 125 3.32 -14.90 0.01
CA GLU A 125 2.74 -16.10 0.59
C GLU A 125 2.20 -15.87 2.00
N SER A 126 2.77 -14.93 2.74
CA SER A 126 2.39 -14.74 4.13
C SER A 126 1.61 -13.46 4.36
N GLY A 127 1.24 -12.75 3.29
CA GLY A 127 0.35 -11.60 3.43
C GLY A 127 0.99 -10.39 4.07
N MET A 128 2.27 -10.15 3.79
CA MET A 128 3.01 -9.06 4.42
C MET A 128 3.02 -7.77 3.59
N ALA A 129 2.45 -7.77 2.38
CA ALA A 129 2.47 -6.54 1.58
C ALA A 129 1.90 -5.33 2.31
N PRO A 130 0.80 -5.42 3.08
CA PRO A 130 0.23 -4.22 3.71
C PRO A 130 1.15 -3.57 4.74
N LEU A 131 2.19 -4.26 5.19
CA LEU A 131 3.19 -3.63 6.05
C LEU A 131 3.96 -2.54 5.33
N PHE A 132 3.92 -2.47 3.99
CA PHE A 132 4.83 -1.53 3.33
C PHE A 132 4.08 -0.41 2.62
N PRO A 133 4.67 0.79 2.56
CA PRO A 133 4.10 1.87 1.75
C PRO A 133 4.18 1.62 0.25
N LEU A 134 4.99 0.66 -0.19
CA LEU A 134 5.19 0.38 -1.60
C LEU A 134 5.82 -1.00 -1.73
N VAL A 135 5.34 -1.80 -2.67
CA VAL A 135 5.84 -3.14 -2.89
C VAL A 135 6.22 -3.28 -4.37
N VAL A 136 7.44 -3.74 -4.63
CA VAL A 136 7.94 -4.03 -5.97
C VAL A 136 8.08 -5.54 -6.13
N ILE A 137 7.51 -6.08 -7.18
CA ILE A 137 7.64 -7.51 -7.44
C ILE A 137 8.18 -7.69 -8.84
N VAL A 138 9.25 -8.48 -8.99
CA VAL A 138 9.84 -8.77 -10.28
C VAL A 138 9.29 -10.09 -10.77
N TYR A 139 9.05 -10.20 -12.07
CA TYR A 139 8.58 -11.45 -12.66
C TYR A 139 9.27 -11.65 -14.00
N ALA A 140 9.06 -12.83 -14.58
CA ALA A 140 9.67 -13.19 -15.85
C ALA A 140 8.92 -14.37 -16.44
N ASP A 141 8.96 -14.48 -17.78
CA ASP A 141 8.35 -15.62 -18.46
C ASP A 141 8.87 -16.92 -17.86
N VAL A 142 7.96 -17.89 -17.71
CA VAL A 142 8.34 -19.15 -17.07
C VAL A 142 9.48 -19.83 -17.83
N GLU A 143 9.51 -19.70 -19.15
CA GLU A 143 10.59 -20.32 -19.91
C GLU A 143 11.93 -19.67 -19.57
N VAL A 144 11.93 -18.34 -19.38
CA VAL A 144 13.15 -17.64 -19.00
C VAL A 144 13.62 -18.08 -17.61
N ARG A 145 12.69 -18.10 -16.65
CA ARG A 145 13.04 -18.53 -15.29
C ARG A 145 13.63 -19.93 -15.30
N LEU A 146 13.01 -20.83 -16.09
CA LEU A 146 13.50 -22.20 -16.19
C LEU A 146 14.91 -22.24 -16.76
N ARG A 147 15.14 -21.57 -17.90
CA ARG A 147 16.47 -21.55 -18.48
C ARG A 147 17.49 -21.04 -17.48
N ARG A 148 17.14 -19.98 -16.73
CA ARG A 148 18.09 -19.42 -15.78
C ARG A 148 18.41 -20.40 -14.66
N LEU A 149 17.40 -21.08 -14.11
CA LEU A 149 17.64 -21.98 -13.00
C LEU A 149 18.42 -23.22 -13.46
N VAL A 150 17.99 -23.84 -14.56
CA VAL A 150 18.64 -25.06 -15.03
C VAL A 150 20.07 -24.77 -15.49
N GLU A 151 20.23 -23.82 -16.41
CA GLU A 151 21.52 -23.61 -17.07
C GLU A 151 22.46 -22.70 -16.31
N GLN A 152 21.99 -21.88 -15.38
CA GLN A 152 22.86 -20.99 -14.64
C GLN A 152 22.93 -21.30 -13.15
N ARG A 153 22.13 -22.26 -12.67
CA ARG A 153 22.21 -22.67 -11.28
C ARG A 153 22.32 -24.19 -11.12
N GLY A 154 22.17 -24.96 -12.19
CA GLY A 154 22.43 -26.39 -12.16
C GLY A 154 21.24 -27.27 -11.85
N MET A 155 20.10 -26.68 -11.47
CA MET A 155 18.94 -27.48 -11.09
C MET A 155 18.51 -28.41 -12.21
N ALA A 156 18.06 -29.61 -11.83
CA ALA A 156 17.33 -30.45 -12.78
C ALA A 156 16.04 -29.76 -13.17
N GLU A 157 15.60 -29.99 -14.41
CA GLU A 157 14.43 -29.29 -14.93
C GLU A 157 13.20 -29.55 -14.07
N ALA A 158 12.88 -30.83 -13.81
CA ALA A 158 11.69 -31.15 -13.03
C ALA A 158 11.77 -30.60 -11.61
N ASP A 159 12.97 -30.57 -11.04
CA ASP A 159 13.16 -29.96 -9.72
C ASP A 159 12.87 -28.46 -9.77
N ALA A 160 13.39 -27.77 -10.78
CA ALA A 160 13.11 -26.34 -10.92
C ALA A 160 11.62 -26.10 -11.08
N ARG A 161 10.96 -26.89 -11.93
CA ARG A 161 9.53 -26.70 -12.15
C ARG A 161 8.74 -26.93 -10.87
N ALA A 162 9.12 -27.95 -10.09
CA ALA A 162 8.42 -28.20 -8.83
C ALA A 162 8.64 -27.07 -7.84
N ARG A 163 9.89 -26.60 -7.74
CA ARG A 163 10.20 -25.49 -6.83
C ARG A 163 9.42 -24.24 -7.22
N ILE A 164 9.28 -24.00 -8.53
CA ILE A 164 8.53 -22.85 -9.02
C ILE A 164 7.05 -23.00 -8.68
N ALA A 165 6.50 -24.20 -8.91
CA ALA A 165 5.08 -24.42 -8.69
C ALA A 165 4.72 -24.33 -7.21
N ALA A 166 5.66 -24.63 -6.31
CA ALA A 166 5.36 -24.63 -4.89
C ALA A 166 5.23 -23.24 -4.29
N GLN A 167 5.54 -22.18 -5.04
CA GLN A 167 5.44 -20.82 -4.53
C GLN A 167 4.12 -20.20 -4.96
N ALA A 168 3.95 -18.91 -4.66
CA ALA A 168 2.78 -18.17 -5.09
C ALA A 168 2.71 -18.07 -6.60
N SER A 169 1.49 -17.92 -7.11
CA SER A 169 1.30 -17.69 -8.54
C SER A 169 1.60 -16.23 -8.88
N ASP A 170 1.84 -15.99 -10.18
CA ASP A 170 2.01 -14.61 -10.64
C ASP A 170 0.76 -13.78 -10.41
N GLU A 171 -0.42 -14.42 -10.41
CA GLU A 171 -1.66 -13.70 -10.18
C GLU A 171 -1.75 -13.19 -8.75
N GLN A 172 -1.35 -14.02 -7.79
CA GLN A 172 -1.32 -13.59 -6.40
C GLN A 172 -0.28 -12.48 -6.20
N ARG A 173 0.89 -12.63 -6.82
CA ARG A 173 1.88 -11.56 -6.77
C ARG A 173 1.30 -10.26 -7.32
N ARG A 174 0.72 -10.33 -8.52
CA ARG A 174 0.22 -9.13 -9.17
C ARG A 174 -0.79 -8.42 -8.28
N ALA A 175 -1.61 -9.19 -7.55
CA ALA A 175 -2.62 -8.57 -6.70
C ALA A 175 -2.01 -7.64 -5.66
N VAL A 176 -0.78 -7.89 -5.20
CA VAL A 176 -0.21 -7.09 -4.12
C VAL A 176 1.00 -6.27 -4.57
N ALA A 177 1.27 -6.18 -5.87
CA ALA A 177 2.41 -5.40 -6.35
C ALA A 177 1.98 -3.97 -6.69
N ASP A 178 2.61 -2.98 -6.03
CA ASP A 178 2.45 -1.61 -6.50
C ASP A 178 3.22 -1.40 -7.78
N ILE A 179 4.37 -2.04 -7.90
CA ILE A 179 5.19 -1.95 -9.12
C ILE A 179 5.47 -3.38 -9.57
N TRP A 180 5.08 -3.68 -10.80
CA TRP A 180 5.08 -5.01 -11.39
C TRP A 180 6.12 -4.96 -12.50
N LEU A 181 7.28 -5.57 -12.27
CA LEU A 181 8.48 -5.26 -13.05
C LEU A 181 8.94 -6.50 -13.82
N ASP A 182 8.95 -6.39 -15.14
CA ASP A 182 9.20 -7.53 -16.02
C ASP A 182 10.70 -7.68 -16.25
N ASN A 183 11.25 -8.82 -15.86
CA ASN A 183 12.67 -9.10 -16.06
C ASN A 183 12.84 -10.25 -17.04
N SER A 184 12.14 -10.18 -18.17
CA SER A 184 12.32 -11.20 -19.20
C SER A 184 13.49 -10.90 -20.14
N GLY A 185 14.06 -9.69 -20.09
CA GLY A 185 15.09 -9.26 -21.02
C GLY A 185 16.49 -9.38 -20.46
N SER A 186 17.37 -8.51 -20.94
CA SER A 186 18.78 -8.56 -20.60
C SER A 186 19.04 -7.92 -19.25
N PRO A 187 20.21 -8.19 -18.65
CA PRO A 187 20.58 -7.49 -17.41
C PRO A 187 20.65 -5.96 -17.54
N ALA A 188 21.21 -5.44 -18.64
CA ALA A 188 21.25 -3.99 -18.83
C ALA A 188 19.84 -3.41 -18.88
N GLU A 189 18.88 -4.14 -19.47
CA GLU A 189 17.49 -3.67 -19.52
C GLU A 189 16.88 -3.60 -18.13
N LEU A 190 17.21 -4.57 -17.27
CA LEU A 190 16.73 -4.52 -15.89
C LEU A 190 17.29 -3.32 -15.15
N VAL A 191 18.61 -3.06 -15.30
CA VAL A 191 19.19 -1.90 -14.64
C VAL A 191 18.50 -0.62 -15.08
N GLN A 192 18.25 -0.50 -16.39
CA GLN A 192 17.57 0.68 -16.94
C GLN A 192 16.16 0.81 -16.37
N ARG A 193 15.41 -0.30 -16.35
CA ARG A 193 14.04 -0.26 -15.84
C ARG A 193 14.01 0.13 -14.36
N ALA A 194 14.93 -0.45 -13.57
CA ALA A 194 14.98 -0.11 -12.15
C ALA A 194 15.31 1.37 -11.95
N GLN A 195 16.24 1.92 -12.75
CA GLN A 195 16.55 3.33 -12.60
C GLN A 195 15.39 4.22 -13.03
N GLN A 196 14.60 3.77 -14.01
CA GLN A 196 13.41 4.50 -14.42
C GLN A 196 12.42 4.60 -13.25
N VAL A 197 12.18 3.48 -12.58
CA VAL A 197 11.29 3.48 -11.41
C VAL A 197 11.88 4.32 -10.28
N TRP A 198 13.19 4.25 -10.09
CA TRP A 198 13.87 5.07 -9.11
C TRP A 198 13.64 6.56 -9.36
N ASN A 199 13.94 7.02 -10.57
CA ASN A 199 13.86 8.45 -10.88
C ASN A 199 12.43 8.94 -10.94
N GLU A 200 11.52 8.15 -11.50
CA GLU A 200 10.19 8.66 -11.77
C GLU A 200 9.21 8.46 -10.63
N ARG A 201 9.51 7.55 -9.70
CA ARG A 201 8.54 7.24 -8.66
C ARG A 201 9.16 7.24 -7.27
N ILE A 202 10.28 6.56 -7.08
CA ILE A 202 10.82 6.40 -5.74
C ILE A 202 11.45 7.69 -5.24
N VAL A 203 12.28 8.35 -6.07
CA VAL A 203 12.89 9.61 -5.64
C VAL A 203 11.84 10.64 -5.24
N PRO A 204 10.85 10.97 -6.08
CA PRO A 204 9.85 11.96 -5.63
C PRO A 204 8.99 11.47 -4.47
N PHE A 205 8.67 10.17 -4.38
CA PHE A 205 7.94 9.64 -3.23
C PHE A 205 8.70 9.94 -1.93
N ALA A 206 9.98 9.58 -1.88
CA ALA A 206 10.79 9.83 -0.69
C ALA A 206 10.93 11.32 -0.41
N HIS A 207 11.17 12.12 -1.45
CA HIS A 207 11.33 13.55 -1.24
C HIS A 207 10.04 14.17 -0.72
N ASN A 208 8.91 13.76 -1.27
CA ASN A 208 7.62 14.26 -0.82
C ASN A 208 7.36 13.90 0.63
N LEU A 209 7.68 12.65 1.01
CA LEU A 209 7.51 12.24 2.40
C LEU A 209 8.36 13.07 3.33
N SER A 210 9.61 13.27 2.95
CA SER A 210 10.54 14.03 3.80
C SER A 210 10.12 15.49 3.94
N THR A 211 9.47 16.08 2.93
CA THR A 211 9.01 17.45 3.03
C THR A 211 7.54 17.54 3.35
N ARG A 212 6.91 16.39 3.64
CA ARG A 212 5.47 16.30 3.95
C ARG A 212 4.63 16.97 2.85
N GLN A 213 5.00 16.71 1.60
CA GLN A 213 4.23 17.13 0.43
C GLN A 213 3.46 15.94 -0.13
N ILE A 214 2.39 16.24 -0.86
CA ILE A 214 1.55 15.19 -1.44
C ILE A 214 1.67 15.26 -2.95
N ALA A 215 1.29 14.16 -3.61
CA ALA A 215 1.29 14.06 -5.07
C ALA A 215 -0.13 14.25 -5.60
N ARG A 216 -0.37 15.35 -6.30
CA ARG A 216 -1.70 15.62 -6.83
C ARG A 216 -1.86 15.03 -8.22
N ALA A 217 -3.11 14.62 -8.56
CA ALA A 217 -3.40 14.12 -9.88
C ALA A 217 -3.87 15.25 -10.79
N PRO A 218 -3.79 15.09 -12.10
CA PRO A 218 -4.24 16.18 -13.00
C PRO A 218 -5.74 16.35 -12.92
N VAL A 219 -6.22 17.47 -13.45
CA VAL A 219 -7.65 17.73 -13.49
C VAL A 219 -8.35 16.97 -14.59
N ARG A 220 -7.61 16.25 -15.43
CA ARG A 220 -8.21 15.58 -16.58
C ARG A 220 -9.06 14.39 -16.15
N LEU A 221 -10.30 14.35 -16.60
CA LEU A 221 -11.10 13.15 -16.44
C LEU A 221 -10.55 12.02 -17.31
N VAL A 222 -10.57 10.80 -16.79
CA VAL A 222 -10.17 9.62 -17.55
C VAL A 222 -11.30 8.61 -17.49
N PRO A 223 -11.39 7.72 -18.48
CA PRO A 223 -12.33 6.60 -18.39
C PRO A 223 -11.97 5.70 -17.23
N PRO A 224 -12.94 4.96 -16.68
CA PRO A 224 -12.65 4.16 -15.48
C PRO A 224 -11.52 3.20 -15.73
N ASP A 225 -10.65 3.08 -14.75
CA ASP A 225 -9.50 2.20 -14.89
C ASP A 225 -9.87 0.82 -14.33
N PRO A 226 -9.75 -0.25 -15.12
CA PRO A 226 -10.10 -1.58 -14.60
C PRO A 226 -9.26 -2.00 -13.41
N GLU A 227 -8.11 -1.38 -13.20
CA GLU A 227 -7.24 -1.71 -12.08
C GLU A 227 -7.55 -0.94 -10.79
N TRP A 228 -8.47 0.02 -10.81
CA TRP A 228 -8.76 0.74 -9.57
C TRP A 228 -9.20 -0.15 -8.42
N PRO A 229 -10.04 -1.18 -8.60
CA PRO A 229 -10.39 -2.01 -7.44
C PRO A 229 -9.19 -2.67 -6.78
N ALA A 230 -8.25 -3.22 -7.55
CA ALA A 230 -7.06 -3.85 -6.97
C ALA A 230 -6.17 -2.83 -6.28
N GLN A 231 -5.97 -1.66 -6.90
CA GLN A 231 -5.19 -0.61 -6.25
C GLN A 231 -5.83 -0.21 -4.93
N ALA A 232 -7.17 -0.07 -4.94
CA ALA A 232 -7.84 0.37 -3.72
C ALA A 232 -7.73 -0.68 -2.62
N GLN A 233 -7.79 -1.96 -2.99
CA GLN A 233 -7.66 -2.99 -1.96
C GLN A 233 -6.28 -2.94 -1.32
N ARG A 234 -5.24 -2.73 -2.14
CA ARG A 234 -3.90 -2.58 -1.54
C ARG A 234 -3.88 -1.43 -0.56
N ILE A 235 -4.52 -0.31 -0.93
CA ILE A 235 -4.50 0.88 -0.07
C ILE A 235 -5.29 0.63 1.22
N VAL A 236 -6.48 0.06 1.09
CA VAL A 236 -7.34 -0.25 2.25
C VAL A 236 -6.58 -1.13 3.23
N ASN A 237 -5.93 -2.19 2.73
CA ASN A 237 -5.19 -3.08 3.64
C ASN A 237 -4.06 -2.32 4.32
N ARG A 238 -3.31 -1.54 3.55
CA ARG A 238 -2.18 -0.77 4.10
C ARG A 238 -2.64 0.18 5.21
N LEU A 239 -3.78 0.82 5.00
CA LEU A 239 -4.27 1.79 5.98
C LEU A 239 -4.86 1.08 7.21
N LYS A 240 -5.51 -0.08 7.03
CA LYS A 240 -5.95 -0.85 8.20
C LYS A 240 -4.77 -1.22 9.08
N THR A 241 -3.71 -1.73 8.45
CA THR A 241 -2.52 -2.11 9.21
C THR A 241 -1.91 -0.89 9.90
N ALA A 242 -1.82 0.24 9.19
CA ALA A 242 -1.20 1.42 9.78
C ALA A 242 -2.04 2.00 10.93
N SER A 243 -3.36 1.88 10.85
CA SER A 243 -4.22 2.50 11.84
C SER A 243 -4.29 1.70 13.13
N GLY A 244 -4.03 0.41 13.06
CA GLY A 244 -3.96 -0.33 14.32
C GLY A 244 -5.34 -0.59 14.89
N HIS A 245 -5.64 -0.07 16.09
CA HIS A 245 -6.96 -0.20 16.71
C HIS A 245 -7.89 0.96 16.36
N ARG A 246 -7.38 2.00 15.71
CA ARG A 246 -8.12 3.25 15.58
C ARG A 246 -9.06 3.28 14.39
N ALA A 247 -8.92 2.40 13.40
CA ALA A 247 -9.83 2.38 12.26
C ALA A 247 -10.99 1.46 12.56
N LEU A 248 -12.16 2.06 12.83
CA LEU A 248 -13.36 1.25 12.98
C LEU A 248 -13.73 0.59 11.66
N ARG A 249 -13.52 1.26 10.55
CA ARG A 249 -13.71 0.67 9.23
C ARG A 249 -12.96 1.54 8.23
N VAL A 250 -12.63 0.95 7.09
CA VAL A 250 -11.88 1.64 6.04
C VAL A 250 -12.54 1.30 4.72
N ASP A 251 -12.82 2.31 3.89
CA ASP A 251 -13.69 2.08 2.74
C ASP A 251 -13.21 2.85 1.52
N HIS A 252 -13.29 2.21 0.37
CA HIS A 252 -13.09 2.86 -0.93
C HIS A 252 -14.35 3.67 -1.26
N VAL A 253 -14.20 4.98 -1.46
CA VAL A 253 -15.35 5.85 -1.70
C VAL A 253 -15.09 6.70 -2.93
N GLY A 254 -16.06 7.54 -3.27
CA GLY A 254 -15.88 8.47 -4.36
C GLY A 254 -16.04 7.83 -5.72
N SER A 255 -15.69 8.60 -6.75
CA SER A 255 -15.99 8.20 -8.13
C SER A 255 -15.24 6.94 -8.56
N THR A 256 -14.02 6.72 -8.06
CA THR A 256 -13.31 5.51 -8.47
C THR A 256 -13.87 4.25 -7.83
N ALA A 257 -14.79 4.38 -6.87
CA ALA A 257 -15.42 3.21 -6.24
C ALA A 257 -16.69 2.75 -6.95
N LEU A 258 -17.17 3.49 -7.95
CA LEU A 258 -18.37 3.05 -8.66
C LEU A 258 -18.06 1.86 -9.55
N PRO A 259 -19.04 0.99 -9.81
CA PRO A 259 -18.83 -0.10 -10.77
C PRO A 259 -18.36 0.42 -12.11
N GLY A 260 -17.38 -0.27 -12.68
CA GLY A 260 -16.79 0.11 -13.94
C GLY A 260 -17.79 0.29 -15.06
N ASP A 261 -17.88 1.51 -15.58
CA ASP A 261 -18.75 1.83 -16.71
C ASP A 261 -17.92 2.64 -17.70
N PRO A 262 -17.60 2.09 -18.88
CA PRO A 262 -16.74 2.83 -19.81
C PRO A 262 -17.31 4.16 -20.28
N ASP A 263 -18.63 4.34 -20.20
CA ASP A 263 -19.24 5.61 -20.57
C ASP A 263 -19.19 6.64 -19.44
N PHE A 264 -18.68 6.27 -18.26
CA PHE A 264 -18.47 7.17 -17.15
C PHE A 264 -17.04 7.75 -17.24
N ALA A 265 -16.65 8.55 -16.25
CA ALA A 265 -15.36 9.22 -16.27
C ALA A 265 -15.10 9.84 -14.90
N ALA A 266 -13.83 9.93 -14.53
CA ALA A 266 -13.46 10.42 -13.21
C ALA A 266 -12.03 10.93 -13.22
N LYS A 267 -11.73 11.79 -12.26
CA LYS A 267 -10.36 12.18 -11.99
C LYS A 267 -9.59 10.98 -11.45
N ASP A 268 -8.32 10.83 -11.85
CA ASP A 268 -7.56 9.63 -11.47
C ASP A 268 -6.90 9.82 -10.09
N VAL A 269 -7.75 9.85 -9.08
CA VAL A 269 -7.29 9.88 -7.70
C VAL A 269 -8.23 8.98 -6.91
N ILE A 270 -7.67 8.10 -6.08
CA ILE A 270 -8.46 7.15 -5.33
C ILE A 270 -8.82 7.76 -3.98
N ASP A 271 -10.10 7.80 -3.64
CA ASP A 271 -10.54 8.29 -2.33
C ASP A 271 -10.81 7.13 -1.38
N ILE A 272 -10.29 7.25 -0.16
CA ILE A 272 -10.49 6.29 0.92
C ILE A 272 -11.02 7.03 2.13
N GLN A 273 -11.95 6.42 2.87
CA GLN A 273 -12.35 6.97 4.16
C GLN A 273 -11.95 6.01 5.27
N ILE A 274 -11.22 6.53 6.26
CA ILE A 274 -11.02 5.86 7.53
C ILE A 274 -12.03 6.42 8.53
N THR A 275 -12.87 5.56 9.09
CA THR A 275 -13.81 5.95 10.13
C THR A 275 -13.15 5.76 11.49
N VAL A 276 -13.14 6.81 12.30
CA VAL A 276 -12.53 6.75 13.64
C VAL A 276 -13.61 7.10 14.66
N GLU A 277 -13.25 6.95 15.94
CA GLU A 277 -14.26 7.20 16.97
C GLU A 277 -14.29 8.65 17.44
N SER A 278 -13.28 9.45 17.13
CA SER A 278 -13.20 10.85 17.58
C SER A 278 -12.11 11.56 16.77
N LEU A 279 -12.10 12.89 16.87
CA LEU A 279 -11.02 13.63 16.21
C LEU A 279 -9.69 13.46 16.94
N ALA A 280 -9.71 13.22 18.26
CA ALA A 280 -8.46 12.90 18.98
C ALA A 280 -7.78 11.65 18.40
N ALA A 281 -8.57 10.61 18.10
CA ALA A 281 -8.00 9.42 17.48
C ALA A 281 -7.43 9.72 16.10
N ALA A 282 -8.17 10.51 15.31
CA ALA A 282 -7.64 10.95 14.02
C ALA A 282 -6.29 11.63 14.20
N ASP A 283 -6.15 12.45 15.22
CA ASP A 283 -4.90 13.16 15.42
C ASP A 283 -3.79 12.22 15.85
N GLU A 284 -4.13 11.12 16.53
CA GLU A 284 -3.13 10.09 16.83
C GLU A 284 -2.64 9.40 15.56
N LEU A 285 -3.37 9.51 14.45
CA LEU A 285 -2.91 8.80 13.25
C LEU A 285 -1.80 9.51 12.43
N VAL A 286 -1.30 10.67 12.84
CA VAL A 286 -0.42 11.44 11.95
C VAL A 286 0.87 10.69 11.66
N GLU A 287 1.56 10.23 12.69
CA GLU A 287 2.85 9.55 12.46
C GLU A 287 2.69 8.21 11.75
N PRO A 288 1.76 7.32 12.15
CA PRO A 288 1.69 6.04 11.43
C PRO A 288 1.21 6.20 10.00
N LEU A 289 0.36 7.18 9.70
CA LEU A 289 -0.02 7.37 8.30
C LEU A 289 1.14 7.95 7.48
N LEU A 290 1.92 8.86 8.08
CA LEU A 290 3.11 9.37 7.39
C LEU A 290 4.10 8.25 7.11
N ALA A 291 4.36 7.39 8.09
CA ALA A 291 5.24 6.24 7.84
C ALA A 291 4.68 5.34 6.76
N ALA A 292 3.35 5.26 6.63
CA ALA A 292 2.77 4.43 5.59
C ALA A 292 2.68 5.11 4.23
N GLY A 293 3.11 6.38 4.12
CA GLY A 293 3.20 7.05 2.84
C GLY A 293 2.26 8.23 2.62
N TYR A 294 1.62 8.76 3.67
CA TYR A 294 0.50 9.70 3.51
C TYR A 294 0.67 10.90 4.44
N PRO A 295 1.32 11.98 3.97
CA PRO A 295 1.37 13.21 4.77
C PRO A 295 -0.03 13.78 4.96
N ARG A 296 -0.18 14.54 6.05
CA ARG A 296 -1.44 15.24 6.31
C ARG A 296 -1.49 16.59 5.62
N LEU A 297 -2.66 16.97 5.12
CA LEU A 297 -2.91 18.35 4.69
C LEU A 297 -3.34 19.14 5.92
N GLU A 298 -2.45 19.97 6.43
CA GLU A 298 -2.59 20.49 7.78
C GLU A 298 -3.77 21.48 7.90
N HIS A 299 -4.08 22.22 6.84
CA HIS A 299 -5.08 23.28 6.93
C HIS A 299 -6.42 22.91 6.33
N ILE A 300 -6.74 21.63 6.22
CA ILE A 300 -8.08 21.19 5.84
C ILE A 300 -8.65 20.43 7.03
N THR A 301 -9.66 21.01 7.70
CA THR A 301 -10.21 20.43 8.91
C THR A 301 -11.73 20.28 8.86
N ALA A 302 -12.36 20.45 7.70
CA ALA A 302 -13.81 20.24 7.57
C ALA A 302 -14.15 20.02 6.11
N ASP A 303 -15.29 19.37 5.87
CA ASP A 303 -15.97 19.40 4.58
C ASP A 303 -16.85 20.66 4.48
N VAL A 304 -17.41 20.90 3.29
CA VAL A 304 -18.43 21.94 3.12
C VAL A 304 -19.71 21.50 3.83
N ALA A 305 -20.21 22.34 4.74
CA ALA A 305 -21.42 21.98 5.48
C ALA A 305 -22.65 22.01 4.57
N LYS A 306 -23.60 21.10 4.84
CA LYS A 306 -24.93 21.19 4.26
C LYS A 306 -25.94 21.40 5.38
N PRO A 307 -26.98 22.20 5.15
CA PRO A 307 -28.02 22.35 6.17
C PRO A 307 -28.81 21.06 6.32
N ASP A 308 -29.53 20.97 7.44
CA ASP A 308 -30.30 19.78 7.82
C ASP A 308 -29.47 18.52 7.58
N ALA A 309 -28.33 18.47 8.28
CA ALA A 309 -27.38 17.37 8.16
C ALA A 309 -28.03 16.05 8.58
N ARG A 310 -27.70 14.98 7.87
CA ARG A 310 -28.37 13.70 8.05
C ARG A 310 -27.38 12.62 8.50
N SER A 311 -27.90 11.68 9.28
CA SER A 311 -27.14 10.49 9.68
C SER A 311 -28.12 9.36 9.95
N THR A 312 -27.65 8.11 9.78
CA THR A 312 -28.44 6.99 10.28
C THR A 312 -28.21 6.73 11.76
N VAL A 313 -27.30 7.48 12.38
CA VAL A 313 -27.11 7.43 13.83
C VAL A 313 -27.91 8.57 14.44
N GLU A 314 -28.85 8.22 15.33
CA GLU A 314 -29.92 9.15 15.66
C GLU A 314 -29.42 10.46 16.24
N ARG A 315 -28.44 10.42 17.14
CA ARG A 315 -28.03 11.66 17.80
CA ARG A 315 -28.00 11.63 17.81
C ARG A 315 -27.27 12.60 16.88
N TYR A 316 -26.93 12.19 15.66
CA TYR A 316 -26.33 13.12 14.72
C TYR A 316 -27.26 13.49 13.58
N ASP A 317 -28.49 12.98 13.57
CA ASP A 317 -29.44 13.22 12.48
C ASP A 317 -30.18 14.52 12.70
N HIS A 318 -30.45 15.23 11.60
CA HIS A 318 -31.17 16.50 11.61
C HIS A 318 -30.56 17.45 12.63
N THR A 319 -29.26 17.58 12.55
CA THR A 319 -28.52 18.45 13.43
C THR A 319 -28.13 19.73 12.69
N GLY A 320 -27.85 20.78 13.46
CA GLY A 320 -27.35 22.02 12.91
C GLY A 320 -26.06 22.46 13.59
N ASP A 321 -25.24 21.51 14.02
CA ASP A 321 -23.98 21.83 14.66
C ASP A 321 -22.87 21.80 13.64
N PRO A 322 -22.24 22.93 13.32
CA PRO A 322 -21.15 22.91 12.33
C PRO A 322 -19.98 22.04 12.74
N ALA A 323 -19.75 21.88 14.04
CA ALA A 323 -18.63 21.06 14.48
C ALA A 323 -18.69 19.64 13.92
N LEU A 324 -19.89 19.15 13.60
CA LEU A 324 -20.00 17.78 13.12
C LEU A 324 -19.50 17.61 11.70
N TRP A 325 -19.12 18.68 11.01
CA TRP A 325 -18.56 18.55 9.67
C TRP A 325 -17.03 18.51 9.67
N HIS A 326 -16.39 18.53 10.84
CA HIS A 326 -14.93 18.52 10.88
C HIS A 326 -14.39 17.13 10.53
N LYS A 327 -13.12 17.11 10.11
CA LYS A 327 -12.44 15.89 9.68
C LYS A 327 -10.94 16.15 9.66
N ARG A 328 -10.18 15.11 9.30
CA ARG A 328 -8.81 15.30 8.85
C ARG A 328 -8.70 14.70 7.44
N ILE A 329 -7.64 15.07 6.71
CA ILE A 329 -7.42 14.50 5.38
C ILE A 329 -5.92 14.42 5.14
N HIS A 330 -5.47 13.27 4.66
CA HIS A 330 -4.11 13.03 4.23
C HIS A 330 -4.13 12.72 2.75
N ALA A 331 -2.96 12.68 2.12
CA ALA A 331 -2.92 12.21 0.75
C ALA A 331 -1.60 11.51 0.49
N SER A 332 -1.56 10.70 -0.55
CA SER A 332 -0.34 9.93 -0.83
C SER A 332 0.75 10.86 -1.33
N ALA A 333 2.00 10.58 -0.91
CA ALA A 333 3.18 11.23 -1.45
C ALA A 333 3.71 10.52 -2.70
N ASP A 334 3.09 9.42 -3.13
CA ASP A 334 3.58 8.62 -4.24
C ASP A 334 2.99 9.14 -5.55
N PRO A 335 3.77 9.77 -6.45
CA PRO A 335 3.17 10.29 -7.69
C PRO A 335 2.64 9.19 -8.61
N GLY A 336 3.01 7.93 -8.39
CA GLY A 336 2.42 6.86 -9.16
C GLY A 336 1.02 6.44 -8.75
N ARG A 337 0.50 6.93 -7.63
CA ARG A 337 -0.84 6.54 -7.18
C ARG A 337 -1.44 7.63 -6.29
N PRO A 338 -1.81 8.76 -6.88
CA PRO A 338 -2.52 9.78 -6.10
C PRO A 338 -3.73 9.19 -5.38
N THR A 339 -3.86 9.57 -4.10
CA THR A 339 -4.83 8.98 -3.17
C THR A 339 -5.20 10.05 -2.14
N ASN A 340 -6.48 10.24 -1.89
CA ASN A 340 -6.96 11.03 -0.77
C ASN A 340 -7.43 10.11 0.35
N VAL A 341 -7.05 10.41 1.59
CA VAL A 341 -7.46 9.60 2.73
C VAL A 341 -8.20 10.52 3.69
N HIS A 342 -9.52 10.46 3.67
CA HIS A 342 -10.37 11.25 4.56
C HIS A 342 -10.53 10.51 5.88
N ILE A 343 -10.37 11.20 6.99
CA ILE A 343 -10.54 10.61 8.31
C ILE A 343 -11.74 11.30 8.96
N ARG A 344 -12.81 10.54 9.17
CA ARG A 344 -14.09 11.08 9.60
C ARG A 344 -14.62 10.27 10.79
N VAL A 345 -15.42 10.94 11.61
CA VAL A 345 -15.89 10.38 12.88
C VAL A 345 -17.17 9.56 12.65
N ASP A 346 -17.18 8.35 13.20
CA ASP A 346 -18.30 7.41 13.20
C ASP A 346 -19.65 8.08 13.47
N GLY A 347 -20.55 8.05 12.48
CA GLY A 347 -21.88 8.58 12.63
C GLY A 347 -22.06 10.03 12.22
N TRP A 348 -20.98 10.82 12.16
CA TRP A 348 -21.12 12.22 11.75
C TRP A 348 -21.57 12.32 10.28
N PRO A 349 -22.21 13.42 9.91
CA PRO A 349 -22.82 13.49 8.56
C PRO A 349 -21.84 13.27 7.41
N GLY A 350 -20.61 13.80 7.46
CA GLY A 350 -19.68 13.58 6.36
C GLY A 350 -19.25 12.12 6.24
N GLN A 351 -19.04 11.46 7.39
CA GLN A 351 -18.75 10.03 7.43
C GLN A 351 -19.86 9.19 6.80
N GLN A 352 -21.12 9.56 7.08
CA GLN A 352 -22.23 8.79 6.52
C GLN A 352 -22.37 9.06 5.03
N PHE A 353 -22.27 10.33 4.63
CA PHE A 353 -22.49 10.70 3.24
C PHE A 353 -21.44 10.09 2.31
N ALA A 354 -20.19 9.97 2.76
CA ALA A 354 -19.17 9.39 1.87
C ALA A 354 -19.52 7.95 1.47
N LEU A 355 -20.11 7.18 2.40
CA LEU A 355 -20.55 5.82 2.10
C LEU A 355 -21.84 5.81 1.28
N LEU A 356 -22.77 6.68 1.67
CA LEU A 356 -24.07 6.75 1.00
C LEU A 356 -23.91 7.12 -0.47
N PHE A 357 -23.02 8.07 -0.78
CA PHE A 357 -22.88 8.59 -2.13
C PHE A 357 -22.54 7.47 -3.10
N VAL A 358 -21.63 6.58 -2.71
CA VAL A 358 -21.30 5.42 -3.53
C VAL A 358 -22.52 4.53 -3.73
N ASP A 359 -23.21 4.17 -2.63
CA ASP A 359 -24.33 3.24 -2.80
C ASP A 359 -25.45 3.86 -3.65
N TRP A 360 -25.72 5.14 -3.42
CA TRP A 360 -26.76 5.85 -4.14
C TRP A 360 -26.45 5.88 -5.63
N LEU A 361 -25.26 6.36 -6.01
CA LEU A 361 -24.91 6.42 -7.43
C LEU A 361 -24.85 5.03 -8.05
N THR A 362 -24.43 4.02 -7.28
CA THR A 362 -24.47 2.66 -7.81
C THR A 362 -25.88 2.24 -8.16
N ALA A 363 -26.87 2.64 -7.36
CA ALA A 363 -28.24 2.20 -7.61
C ALA A 363 -28.99 3.05 -8.64
N ASP A 364 -28.55 4.28 -8.94
CA ASP A 364 -29.36 5.25 -9.69
C ASP A 364 -28.62 5.74 -10.93
N PRO A 365 -28.84 5.11 -12.09
CA PRO A 365 -28.10 5.50 -13.31
C PRO A 365 -28.33 6.93 -13.75
N ASP A 366 -29.55 7.45 -13.58
CA ASP A 366 -29.84 8.82 -13.96
C ASP A 366 -29.01 9.80 -13.14
N ALA A 367 -28.89 9.56 -11.84
CA ALA A 367 -28.08 10.43 -11.01
C ALA A 367 -26.61 10.37 -11.42
N ARG A 368 -26.13 9.17 -11.80
CA ARG A 368 -24.79 9.04 -12.34
C ARG A 368 -24.59 9.87 -13.58
N ALA A 369 -25.57 9.85 -14.49
CA ALA A 369 -25.48 10.64 -15.71
C ALA A 369 -25.44 12.14 -15.38
N ASP A 370 -26.32 12.58 -14.48
CA ASP A 370 -26.29 13.98 -14.05
CA ASP A 370 -26.29 13.98 -14.04
C ASP A 370 -24.92 14.36 -13.51
N TYR A 371 -24.35 13.51 -12.65
CA TYR A 371 -23.04 13.81 -12.06
C TYR A 371 -21.97 13.89 -13.13
N LEU A 372 -21.99 12.94 -14.07
CA LEU A 372 -21.02 12.96 -15.16
C LEU A 372 -21.11 14.25 -15.96
N ALA A 373 -22.33 14.70 -16.26
CA ALA A 373 -22.47 15.93 -17.04
C ALA A 373 -21.93 17.13 -16.28
N VAL A 374 -22.17 17.17 -14.96
CA VAL A 374 -21.59 18.25 -14.15
C VAL A 374 -20.07 18.20 -14.23
N LYS A 375 -19.49 17.00 -14.10
CA LYS A 375 -18.04 16.87 -14.14
C LYS A 375 -17.47 17.34 -15.48
N ARG A 376 -18.12 16.96 -16.59
CA ARG A 376 -17.65 17.39 -17.90
C ARG A 376 -17.72 18.90 -18.05
N SER A 377 -18.80 19.51 -17.55
CA SER A 377 -18.87 20.96 -17.63
C SER A 377 -17.75 21.60 -16.81
N ALA A 378 -17.50 21.05 -15.61
CA ALA A 378 -16.44 21.58 -14.76
C ALA A 378 -15.08 21.45 -15.44
N GLU A 379 -14.80 20.28 -16.04
CA GLU A 379 -13.52 20.10 -16.71
C GLU A 379 -13.38 21.08 -17.86
N GLN A 380 -14.44 21.25 -18.66
CA GLN A 380 -14.39 22.16 -19.80
C GLN A 380 -14.11 23.59 -19.35
N ARG A 381 -14.76 24.04 -18.29
CA ARG A 381 -14.61 25.43 -17.89
C ARG A 381 -13.34 25.68 -17.06
N ALA A 382 -12.87 24.68 -16.33
CA ALA A 382 -11.72 24.88 -15.45
C ALA A 382 -10.42 25.00 -16.23
N ASP A 383 -10.29 24.25 -17.32
CA ASP A 383 -9.13 24.30 -18.18
C ASP A 383 -7.84 24.14 -17.37
N GLY A 384 -7.76 23.05 -16.60
CA GLY A 384 -6.58 22.71 -15.84
C GLY A 384 -6.51 23.27 -14.43
N ASP A 385 -7.33 24.28 -14.11
CA ASP A 385 -7.30 24.93 -12.80
C ASP A 385 -8.17 24.13 -11.83
N ILE A 386 -7.53 23.49 -10.84
CA ILE A 386 -8.27 22.64 -9.91
C ILE A 386 -9.31 23.43 -9.14
N ASP A 387 -8.95 24.65 -8.70
CA ASP A 387 -9.87 25.48 -7.93
C ASP A 387 -11.15 25.77 -8.72
N ALA A 388 -11.00 26.17 -9.98
CA ALA A 388 -12.17 26.44 -10.82
C ALA A 388 -13.02 25.18 -10.99
N TYR A 389 -12.37 24.03 -11.11
CA TYR A 389 -13.08 22.76 -11.24
C TYR A 389 -13.92 22.49 -9.99
N VAL A 390 -13.30 22.63 -8.82
CA VAL A 390 -14.01 22.44 -7.55
C VAL A 390 -15.18 23.41 -7.45
N ALA A 391 -14.96 24.68 -7.80
CA ALA A 391 -16.02 25.69 -7.72
C ALA A 391 -17.19 25.34 -8.62
N VAL A 392 -16.93 24.89 -9.85
CA VAL A 392 -18.05 24.57 -10.74
C VAL A 392 -18.82 23.36 -10.23
N LYS A 393 -18.13 22.35 -9.70
CA LYS A 393 -18.81 21.17 -9.19
C LYS A 393 -19.61 21.46 -7.92
N GLU A 394 -19.07 22.29 -7.02
CA GLU A 394 -19.56 22.31 -5.64
C GLU A 394 -21.06 22.56 -5.50
N PRO A 395 -21.69 23.49 -6.22
CA PRO A 395 -23.13 23.70 -5.98
C PRO A 395 -23.97 22.44 -6.20
N TRP A 396 -23.56 21.55 -7.11
CA TRP A 396 -24.34 20.35 -7.39
C TRP A 396 -24.46 19.45 -6.16
N PHE A 397 -23.45 19.43 -5.29
CA PHE A 397 -23.51 18.56 -4.12
C PHE A 397 -24.62 18.92 -3.15
N ARG A 398 -25.16 20.13 -3.17
CA ARG A 398 -26.27 20.42 -2.25
C ARG A 398 -27.52 19.62 -2.62
N ASP A 399 -27.87 19.64 -3.90
CA ASP A 399 -29.03 18.90 -4.36
C ASP A 399 -28.75 17.40 -4.37
N ALA A 400 -27.50 17.00 -4.69
CA ALA A 400 -27.16 15.60 -4.61
C ALA A 400 -27.28 15.08 -3.18
N TYR A 401 -26.87 15.89 -2.20
CA TYR A 401 -27.02 15.52 -0.79
C TYR A 401 -28.48 15.26 -0.47
N ARG A 402 -29.36 16.20 -0.87
CA ARG A 402 -30.78 16.02 -0.55
C ARG A 402 -31.34 14.77 -1.23
N ARG A 403 -30.93 14.51 -2.47
CA ARG A 403 -31.51 13.39 -3.21
C ARG A 403 -31.00 12.07 -2.68
N ALA A 404 -29.69 11.98 -2.43
CA ALA A 404 -29.13 10.77 -1.84
C ALA A 404 -29.83 10.42 -0.53
N TRP A 405 -30.07 11.43 0.32
CA TRP A 405 -30.72 11.10 1.59
C TRP A 405 -32.19 10.78 1.40
N ASP A 406 -32.84 11.35 0.38
CA ASP A 406 -34.21 10.93 0.06
C ASP A 406 -34.24 9.45 -0.32
N TRP A 407 -33.30 9.04 -1.17
CA TRP A 407 -33.17 7.64 -1.56
C TRP A 407 -32.88 6.76 -0.35
N ALA A 408 -32.02 7.24 0.55
CA ALA A 408 -31.68 6.46 1.74
C ALA A 408 -32.91 6.27 2.63
N ASP A 409 -33.69 7.34 2.82
CA ASP A 409 -34.92 7.21 3.60
C ASP A 409 -35.88 6.24 2.95
N SER A 410 -36.02 6.31 1.61
CA SER A 410 -36.98 5.45 0.92
C SER A 410 -36.60 3.98 1.01
N THR A 411 -35.32 3.66 0.81
CA THR A 411 -34.90 2.27 0.74
C THR A 411 -34.46 1.71 2.08
N GLY A 412 -34.49 2.49 3.16
CA GLY A 412 -33.97 2.00 4.43
C GLY A 412 -32.48 1.72 4.40
N TRP A 413 -31.73 2.53 3.66
CA TRP A 413 -30.28 2.34 3.55
C TRP A 413 -29.61 2.38 4.91
N LYS A 414 -28.70 1.43 5.15
CA LYS A 414 -27.85 1.41 6.32
C LYS A 414 -26.41 1.18 5.89
N PRO A 415 -25.44 1.87 6.51
CA PRO A 415 -24.05 1.64 6.10
C PRO A 415 -23.51 0.33 6.64
C ACT B . 16.81 -14.32 -7.91
O ACT B . 15.85 -14.89 -8.51
OXT ACT B . 16.90 -14.05 -6.67
CH3 ACT B . 18.05 -13.90 -8.79
C ACT C . -16.10 11.88 -5.95
O ACT C . -16.80 11.77 -6.99
OXT ACT C . -15.00 11.32 -5.69
CH3 ACT C . -16.65 12.85 -4.81
C ACT D . -17.83 11.93 -0.65
O ACT D . -17.67 12.53 0.45
OXT ACT D . -17.12 11.02 -1.15
CH3 ACT D . -19.08 12.41 -1.47
C ACT E . -11.21 20.07 15.39
O ACT E . -11.31 20.10 14.12
OXT ACT E . -10.36 19.44 16.10
CH3 ACT E . -12.30 20.91 16.19
C ACT F . -14.54 11.65 -20.58
O ACT F . -14.75 12.91 -20.43
OXT ACT F . -15.40 10.73 -20.75
CH3 ACT F . -13.04 11.18 -20.53
C ACT G . -14.07 13.55 -9.80
O ACT G . -14.19 14.78 -10.14
OXT ACT G . -13.97 12.50 -10.52
CH3 ACT G . -14.06 13.28 -8.26
#